data_2GFY
#
_entry.id   2GFY
#
_cell.length_a   74.730
_cell.length_b   74.730
_cell.length_c   148.072
_cell.angle_alpha   90.00
_cell.angle_beta   90.00
_cell.angle_gamma   120.00
#
_symmetry.space_group_name_H-M   'P 31 2 1'
#
loop_
_entity.id
_entity.type
_entity.pdbx_description
1 polymer '3-oxoacyl-[acyl-carrier-protein] synthase 2'
2 non-polymer 'LAURIC ACID'
3 water water
#
_entity_poly.entity_id   1
_entity_poly.type   'polypeptide(L)'
_entity_poly.pdbx_seq_one_letter_code
;MRGSHHHHHHGSACVSKRRVVVTGLGMLSPVGNTVESTWKALLAGQSGISLIDHFDTSAYATKFAGLVKDFNCEDIISRK
EQRKMDAFIQYGIVAGVQAMQDSGLEITEENATRIGAAIGSGIGGLGLIEENHTSLMNGGPRKISPFFVPSTIVNMVAGH
LTIMYGLRGPSISIATACTSGVHNIGHAARIIAYGDADVMVAGGAEKASTPLGVGGFGAARALSTRNDNPQAASRPWDKE
RDGFVLGDGAGMLVLEEYEHAKKRGAKIYAELVGFGMSSDAYHMTSPPENGAGAALAMANALRDAGIEASQIGYVNAHGT
STPAGDKAEAQAVKTIFGEAASRVLVSSTASMTGHLLGAAGAVESIYSILALRDQAVPPTINLDNPDEGCDLDFVPHEAR
QVSGMEYTLCNSFGFGGTNGSLIFKKI
;
_entity_poly.pdbx_strand_id   A
#
loop_
_chem_comp.id
_chem_comp.type
_chem_comp.name
_chem_comp.formula
DAO non-polymer 'LAURIC ACID' 'C12 H24 O2'
#
# COMPACT_ATOMS: atom_id res chain seq x y z
N LYS A 17 -15.58 -5.40 -23.92
CA LYS A 17 -15.63 -5.26 -22.45
C LYS A 17 -14.36 -5.83 -21.75
N ARG A 18 -13.36 -4.97 -21.61
CA ARG A 18 -12.04 -5.33 -21.10
C ARG A 18 -11.86 -5.72 -19.63
N ARG A 19 -11.43 -6.96 -19.42
CA ARG A 19 -11.20 -7.52 -18.09
C ARG A 19 -9.76 -7.39 -17.70
N VAL A 20 -9.51 -6.75 -16.55
CA VAL A 20 -8.16 -6.51 -16.03
C VAL A 20 -7.73 -7.54 -15.00
N VAL A 21 -6.52 -8.06 -15.25
CA VAL A 21 -5.92 -9.14 -14.47
C VAL A 21 -4.52 -8.76 -14.00
N VAL A 22 -4.00 -9.46 -12.99
CA VAL A 22 -2.66 -9.16 -12.43
C VAL A 22 -1.65 -10.19 -12.91
N THR A 23 -0.60 -9.74 -13.59
CA THR A 23 0.39 -10.66 -14.13
C THR A 23 1.81 -10.51 -13.63
N GLY A 24 1.98 -9.81 -12.53
CA GLY A 24 3.33 -9.58 -12.02
C GLY A 24 3.24 -8.83 -10.72
N LEU A 25 4.03 -9.23 -9.74
CA LEU A 25 4.06 -8.57 -8.43
C LEU A 25 5.50 -8.20 -8.08
N GLY A 26 5.66 -7.15 -7.28
CA GLY A 26 6.99 -6.66 -6.88
C GLY A 26 6.85 -5.95 -5.54
N MET A 27 7.71 -6.21 -4.58
CA MET A 27 7.53 -5.52 -3.31
C MET A 27 8.75 -5.40 -2.39
N LEU A 28 8.74 -4.36 -1.57
CA LEU A 28 9.80 -4.12 -0.58
C LEU A 28 9.05 -3.67 0.63
N SER A 29 9.14 -4.43 1.73
CA SER A 29 8.41 -4.17 2.96
C SER A 29 9.27 -4.36 4.20
N PRO A 30 8.72 -3.92 5.34
CA PRO A 30 9.42 -4.03 6.62
C PRO A 30 9.58 -5.48 7.09
N VAL A 31 9.11 -6.45 6.30
CA VAL A 31 9.25 -7.86 6.66
C VAL A 31 9.81 -8.74 5.54
N GLY A 32 10.31 -8.15 4.46
CA GLY A 32 10.88 -8.90 3.35
C GLY A 32 11.17 -7.92 2.23
N ASN A 33 12.13 -8.21 1.35
CA ASN A 33 12.45 -7.31 0.22
C ASN A 33 12.11 -8.02 -1.10
N THR A 34 11.14 -8.93 -1.00
CA THR A 34 10.58 -9.65 -2.16
C THR A 34 9.14 -10.03 -1.88
N VAL A 35 8.38 -10.27 -2.93
CA VAL A 35 6.99 -10.61 -2.76
C VAL A 35 6.87 -11.84 -1.85
N GLU A 36 7.40 -12.98 -2.30
CA GLU A 36 7.37 -14.22 -1.55
C GLU A 36 7.91 -14.21 -0.08
N SER A 37 8.97 -13.45 0.19
CA SER A 37 9.49 -13.39 1.55
C SER A 37 8.56 -12.60 2.48
N THR A 38 8.09 -11.45 2.01
CA THR A 38 7.14 -10.61 2.77
C THR A 38 5.85 -11.36 3.10
N TRP A 39 5.40 -12.18 2.16
CA TRP A 39 4.23 -13.02 2.31
C TRP A 39 4.47 -14.09 3.40
N LYS A 40 5.60 -14.79 3.29
CA LYS A 40 6.01 -15.82 4.26
C LYS A 40 6.00 -15.23 5.68
N ALA A 41 6.78 -14.16 5.88
CA ALA A 41 6.84 -13.47 7.16
C ALA A 41 5.46 -13.05 7.69
N LEU A 42 4.62 -12.54 6.82
CA LEU A 42 3.29 -12.08 7.22
C LEU A 42 2.43 -13.24 7.77
N LEU A 43 2.47 -14.39 7.10
CA LEU A 43 1.66 -15.51 7.58
C LEU A 43 2.26 -16.02 8.91
N ALA A 44 3.60 -16.05 8.97
CA ALA A 44 4.33 -16.45 10.17
C ALA A 44 4.09 -15.47 11.33
N GLY A 45 3.38 -14.37 11.09
CA GLY A 45 3.08 -13.39 12.14
C GLY A 45 4.31 -12.67 12.65
N GLN A 46 5.30 -12.47 11.77
CA GLN A 46 6.54 -11.75 12.06
C GLN A 46 6.31 -10.22 12.06
N SER A 47 6.91 -9.48 12.99
CA SER A 47 6.80 -8.01 12.99
C SER A 47 8.02 -7.46 12.26
N GLY A 48 7.91 -6.28 11.68
CA GLY A 48 9.04 -5.66 10.97
C GLY A 48 9.39 -4.36 11.66
N ILE A 49 8.69 -4.07 12.77
CA ILE A 49 8.90 -2.83 13.50
C ILE A 49 10.21 -2.87 14.30
N SER A 50 11.07 -1.90 14.04
CA SER A 50 12.37 -1.79 14.73
C SER A 50 12.58 -0.35 15.18
N LEU A 51 13.62 -0.12 15.99
CA LEU A 51 13.97 1.25 16.44
C LEU A 51 14.81 1.95 15.37
N ILE A 52 14.56 3.24 15.22
CA ILE A 52 15.22 4.04 14.21
C ILE A 52 16.66 4.31 14.55
N ASP A 53 17.57 4.13 13.62
CA ASP A 53 18.96 4.53 13.89
C ASP A 53 19.58 5.44 12.81
N HIS A 54 18.81 5.81 11.79
CA HIS A 54 19.34 6.67 10.74
C HIS A 54 19.26 8.16 11.07
N PHE A 55 18.61 8.47 12.19
CA PHE A 55 18.54 9.83 12.68
C PHE A 55 18.41 9.85 14.23
N ASP A 56 18.87 10.90 14.88
CA ASP A 56 18.78 10.93 16.32
C ASP A 56 17.37 11.18 16.80
N THR A 57 16.77 10.14 17.41
CA THR A 57 15.38 10.16 17.90
C THR A 57 15.23 10.55 19.35
N SER A 58 16.28 11.05 19.97
CA SER A 58 16.21 11.41 21.39
C SER A 58 15.01 12.29 21.72
N ALA A 59 14.82 13.35 20.93
CA ALA A 59 13.74 14.29 21.16
C ALA A 59 12.44 13.77 20.69
N TYR A 60 12.45 12.57 20.10
CA TYR A 60 11.21 12.04 19.52
C TYR A 60 10.34 11.18 20.43
N ALA A 61 9.04 11.49 20.46
CA ALA A 61 8.09 10.70 21.24
C ALA A 61 8.05 9.26 20.75
N THR A 62 8.24 9.07 19.44
CA THR A 62 8.24 7.75 18.82
C THR A 62 9.64 7.53 18.27
N LYS A 63 10.18 6.35 18.52
CA LYS A 63 11.58 6.06 18.21
C LYS A 63 11.78 4.80 17.40
N PHE A 64 10.68 4.29 16.83
CA PHE A 64 10.69 3.08 16.00
C PHE A 64 9.82 3.25 14.72
N ALA A 65 9.97 2.34 13.76
CA ALA A 65 9.21 2.38 12.52
C ALA A 65 9.30 1.06 11.79
N GLY A 66 8.42 0.82 10.84
CA GLY A 66 8.56 -0.40 10.05
C GLY A 66 9.54 0.03 8.94
N LEU A 67 10.80 -0.41 9.02
CA LEU A 67 11.85 -0.01 8.07
C LEU A 67 12.27 -1.04 7.05
N VAL A 68 12.82 -0.58 5.92
CA VAL A 68 13.32 -1.51 4.93
C VAL A 68 14.77 -1.89 5.23
N LYS A 69 14.94 -3.16 5.63
CA LYS A 69 16.20 -3.70 6.04
C LYS A 69 17.17 -4.11 4.92
N ASP A 70 18.40 -3.58 5.01
CA ASP A 70 19.46 -3.90 4.06
C ASP A 70 18.98 -3.78 2.63
N PHE A 71 18.66 -2.57 2.23
CA PHE A 71 18.13 -2.34 0.89
C PHE A 71 19.33 -2.15 -0.04
N ASN A 72 19.33 -2.85 -1.16
CA ASN A 72 20.42 -2.72 -2.12
C ASN A 72 19.88 -2.64 -3.56
N CYS A 73 20.39 -1.68 -4.33
CA CYS A 73 19.88 -1.53 -5.66
C CYS A 73 20.98 -1.44 -6.67
N GLU A 74 22.22 -1.60 -6.18
CA GLU A 74 23.43 -1.49 -7.02
C GLU A 74 23.31 -2.18 -8.36
N ASP A 75 22.65 -3.32 -8.39
CA ASP A 75 22.48 -4.06 -9.64
C ASP A 75 21.48 -3.37 -10.56
N ILE A 76 20.49 -2.69 -9.97
CA ILE A 76 19.46 -1.93 -10.71
C ILE A 76 19.74 -0.45 -10.98
N ILE A 77 20.39 0.23 -10.04
CA ILE A 77 20.70 1.64 -10.20
C ILE A 77 22.14 2.01 -9.89
N SER A 78 22.81 2.59 -10.89
CA SER A 78 24.17 3.08 -10.70
C SER A 78 24.18 4.11 -9.57
N ARG A 79 25.27 4.15 -8.80
CA ARG A 79 25.38 5.13 -7.75
C ARG A 79 25.31 6.53 -8.40
N LYS A 80 25.86 6.62 -9.60
CA LYS A 80 25.78 7.87 -10.36
C LYS A 80 24.30 8.27 -10.42
N GLU A 81 23.43 7.29 -10.66
CA GLU A 81 22.01 7.54 -10.79
C GLU A 81 21.24 7.74 -9.50
N GLN A 82 21.59 6.99 -8.44
CA GLN A 82 20.95 7.09 -7.12
C GLN A 82 20.99 8.52 -6.60
N ARG A 83 22.08 9.22 -6.86
CA ARG A 83 22.23 10.59 -6.40
C ARG A 83 21.11 11.49 -6.89
N LYS A 84 20.40 11.06 -7.92
CA LYS A 84 19.35 11.92 -8.45
C LYS A 84 17.99 11.50 -7.95
N MET A 85 17.96 10.67 -6.92
CA MET A 85 16.68 10.13 -6.53
C MET A 85 16.49 9.82 -5.05
N ASP A 86 15.41 10.35 -4.47
CA ASP A 86 15.12 10.09 -3.08
C ASP A 86 14.90 8.55 -2.88
N ALA A 87 15.15 8.06 -1.66
CA ALA A 87 14.92 6.65 -1.37
C ALA A 87 13.56 6.18 -1.83
N PHE A 88 12.50 6.96 -1.61
CA PHE A 88 11.17 6.48 -2.02
C PHE A 88 11.17 6.14 -3.51
N ILE A 89 11.93 6.92 -4.28
CA ILE A 89 12.04 6.71 -5.73
C ILE A 89 12.82 5.41 -5.95
N GLN A 90 13.98 5.27 -5.30
CA GLN A 90 14.77 4.03 -5.40
C GLN A 90 13.92 2.81 -5.04
N TYR A 91 13.28 2.85 -3.89
CA TYR A 91 12.41 1.77 -3.44
C TYR A 91 11.45 1.34 -4.56
N GLY A 92 10.71 2.30 -5.11
CA GLY A 92 9.69 2.03 -6.11
C GLY A 92 10.24 1.51 -7.43
N ILE A 93 11.43 1.98 -7.83
CA ILE A 93 12.04 1.48 -9.07
C ILE A 93 12.35 0.00 -8.90
N VAL A 94 13.04 -0.32 -7.81
CA VAL A 94 13.38 -1.70 -7.46
C VAL A 94 12.13 -2.56 -7.48
N ALA A 95 11.08 -2.13 -6.78
CA ALA A 95 9.84 -2.91 -6.72
C ALA A 95 9.16 -3.01 -8.08
N GLY A 96 9.47 -2.09 -8.98
CA GLY A 96 8.87 -2.10 -10.33
C GLY A 96 9.56 -3.10 -11.27
N VAL A 97 10.87 -3.17 -11.18
CA VAL A 97 11.63 -4.14 -11.93
C VAL A 97 11.14 -5.51 -11.48
N GLN A 98 10.99 -5.67 -10.18
CA GLN A 98 10.55 -6.95 -9.64
C GLN A 98 9.31 -7.34 -10.38
N ALA A 99 8.37 -6.39 -10.44
CA ALA A 99 7.10 -6.61 -11.10
C ALA A 99 7.24 -6.86 -12.61
N MET A 100 8.13 -6.11 -13.26
CA MET A 100 8.35 -6.21 -14.73
C MET A 100 8.97 -7.54 -15.15
N GLN A 101 9.98 -7.98 -14.40
CA GLN A 101 10.64 -9.25 -14.63
C GLN A 101 9.55 -10.29 -14.44
N ASP A 102 9.01 -10.36 -13.23
CA ASP A 102 7.92 -11.30 -12.88
C ASP A 102 6.81 -11.39 -13.94
N SER A 103 6.40 -10.25 -14.49
CA SER A 103 5.36 -10.28 -15.52
C SER A 103 5.83 -11.13 -16.71
N GLY A 104 7.11 -11.01 -17.04
CA GLY A 104 7.67 -11.71 -18.18
C GLY A 104 7.49 -10.88 -19.45
N LEU A 105 6.55 -9.94 -19.41
CA LEU A 105 6.26 -9.05 -20.53
C LEU A 105 7.52 -8.53 -21.18
N GLU A 106 7.52 -8.48 -22.51
CA GLU A 106 8.68 -8.00 -23.26
C GLU A 106 8.25 -6.79 -24.09
N ILE A 107 8.88 -5.64 -23.82
CA ILE A 107 8.52 -4.38 -24.44
C ILE A 107 9.11 -4.35 -25.83
N THR A 108 8.26 -3.98 -26.80
CA THR A 108 8.62 -3.88 -28.21
C THR A 108 8.15 -2.54 -28.79
N GLU A 109 8.67 -2.15 -29.94
CA GLU A 109 8.24 -0.90 -30.56
C GLU A 109 6.73 -0.93 -30.82
N GLU A 110 6.23 -2.10 -31.20
CA GLU A 110 4.81 -2.25 -31.50
C GLU A 110 4.07 -2.41 -30.21
N ASN A 111 4.80 -2.22 -29.13
CA ASN A 111 4.28 -2.38 -27.77
C ASN A 111 4.15 -1.08 -26.97
N ALA A 112 5.32 -0.56 -26.57
CA ALA A 112 5.49 0.56 -25.66
C ALA A 112 4.24 1.39 -25.56
N THR A 113 3.84 1.93 -26.69
CA THR A 113 2.64 2.74 -26.82
C THR A 113 1.44 2.29 -26.00
N ARG A 114 1.39 0.98 -25.71
CA ARG A 114 0.24 0.40 -25.01
C ARG A 114 0.49 -0.06 -23.56
N ILE A 115 1.69 0.21 -23.06
CA ILE A 115 2.06 -0.11 -21.68
C ILE A 115 2.39 1.18 -20.96
N GLY A 116 1.76 1.38 -19.82
CA GLY A 116 2.00 2.60 -19.04
C GLY A 116 2.19 2.34 -17.56
N ALA A 117 2.03 3.40 -16.77
CA ALA A 117 2.21 3.28 -15.31
C ALA A 117 1.26 4.21 -14.56
N ALA A 118 0.96 3.82 -13.33
CA ALA A 118 0.11 4.58 -12.41
C ALA A 118 0.68 4.29 -11.02
N ILE A 119 1.74 5.00 -10.63
CA ILE A 119 2.42 4.80 -9.37
C ILE A 119 2.41 6.15 -8.65
N GLY A 120 2.13 6.14 -7.34
CA GLY A 120 2.11 7.34 -6.53
C GLY A 120 2.83 7.20 -5.16
N SER A 121 2.59 8.17 -4.29
CA SER A 121 3.20 8.22 -2.99
C SER A 121 2.50 9.35 -2.24
N GLY A 122 2.46 9.29 -0.93
CA GLY A 122 1.82 10.33 -0.13
C GLY A 122 2.65 11.62 -0.13
N ILE A 123 3.95 11.53 0.19
CA ILE A 123 4.81 12.73 0.16
C ILE A 123 5.99 12.77 -0.80
N GLY A 124 6.56 11.61 -1.07
CA GLY A 124 7.72 11.51 -1.95
C GLY A 124 9.03 11.84 -1.20
N GLY A 125 9.96 12.41 -1.93
CA GLY A 125 11.29 12.73 -1.44
C GLY A 125 11.41 13.62 -0.23
N LEU A 126 10.82 13.20 0.89
CA LEU A 126 10.89 13.96 2.16
C LEU A 126 12.31 14.12 2.63
N GLY A 127 13.12 13.08 2.44
CA GLY A 127 14.52 13.06 2.88
C GLY A 127 15.35 14.05 2.13
N LEU A 128 15.31 14.01 0.80
CA LEU A 128 16.10 14.93 -0.01
C LEU A 128 15.58 16.36 0.13
N ILE A 129 14.29 16.47 0.48
CA ILE A 129 13.65 17.78 0.69
C ILE A 129 14.30 18.36 1.95
N GLU A 130 14.39 17.52 2.98
CA GLU A 130 15.03 17.93 4.25
C GLU A 130 16.52 18.27 4.00
N GLU A 131 17.18 17.37 3.26
CA GLU A 131 18.56 17.57 2.90
C GLU A 131 18.78 18.92 2.21
N ASN A 132 18.15 19.12 1.06
CA ASN A 132 18.26 20.38 0.31
C ASN A 132 17.85 21.57 1.10
N HIS A 133 16.76 21.49 1.87
CA HIS A 133 16.38 22.63 2.71
C HIS A 133 17.48 22.98 3.75
N THR A 134 17.98 21.94 4.41
CA THR A 134 19.06 22.07 5.36
C THR A 134 20.19 22.82 4.69
N SER A 135 20.65 22.27 3.57
CA SER A 135 21.70 22.87 2.71
C SER A 135 21.43 24.34 2.52
N LEU A 136 20.20 24.67 2.16
CA LEU A 136 19.85 26.03 1.85
C LEU A 136 19.90 26.93 3.04
N MET A 137 19.65 26.36 4.22
CA MET A 137 19.69 27.14 5.46
C MET A 137 21.16 27.46 5.78
N ASN A 138 22.02 26.47 5.58
CA ASN A 138 23.42 26.65 5.84
C ASN A 138 24.18 27.40 4.73
N GLY A 139 24.03 26.96 3.49
CA GLY A 139 24.80 27.54 2.40
C GLY A 139 24.14 28.50 1.42
N GLY A 140 22.84 28.63 1.47
CA GLY A 140 22.15 29.47 0.49
C GLY A 140 21.78 28.64 -0.74
N PRO A 141 20.90 29.20 -1.57
CA PRO A 141 20.41 28.53 -2.77
C PRO A 141 21.43 27.78 -3.62
N ARG A 142 22.67 28.28 -3.66
CA ARG A 142 23.74 27.60 -4.42
C ARG A 142 23.91 26.15 -3.97
N LYS A 143 23.50 25.84 -2.74
CA LYS A 143 23.68 24.51 -2.19
C LYS A 143 22.61 23.51 -2.67
N ILE A 144 21.45 24.01 -3.10
CA ILE A 144 20.37 23.11 -3.52
C ILE A 144 20.84 22.28 -4.68
N SER A 145 20.71 20.96 -4.62
CA SER A 145 21.19 20.13 -5.72
C SER A 145 20.38 20.43 -6.98
N PRO A 146 21.00 20.22 -8.13
CA PRO A 146 20.31 20.46 -9.39
C PRO A 146 19.26 19.38 -9.66
N PHE A 147 19.26 18.35 -8.82
CA PHE A 147 18.29 17.26 -9.00
C PHE A 147 17.22 17.29 -7.91
N PHE A 148 17.22 18.39 -7.18
CA PHE A 148 16.27 18.55 -6.10
C PHE A 148 14.87 18.22 -6.61
N VAL A 149 14.36 19.02 -7.55
CA VAL A 149 13.01 18.81 -8.06
C VAL A 149 12.68 17.37 -8.51
N PRO A 150 13.36 16.91 -9.54
CA PRO A 150 13.15 15.57 -10.05
C PRO A 150 13.56 14.43 -9.11
N SER A 151 14.11 14.76 -7.94
CA SER A 151 14.53 13.73 -7.02
C SER A 151 13.52 13.52 -5.88
N THR A 152 12.59 14.47 -5.76
CA THR A 152 11.67 14.44 -4.64
C THR A 152 10.24 14.35 -5.12
N ILE A 153 9.98 14.84 -6.33
CA ILE A 153 8.61 14.85 -6.80
C ILE A 153 8.00 13.47 -6.89
N VAL A 154 6.77 13.39 -6.42
CA VAL A 154 5.99 12.17 -6.38
C VAL A 154 5.88 11.25 -7.62
N ASN A 155 5.86 11.83 -8.82
CA ASN A 155 5.67 11.07 -10.09
C ASN A 155 6.91 10.43 -10.72
N MET A 156 8.05 10.69 -10.13
CA MET A 156 9.35 10.19 -10.56
C MET A 156 9.55 8.65 -10.48
N VAL A 157 8.72 7.91 -9.73
CA VAL A 157 8.90 6.46 -9.75
C VAL A 157 8.46 5.96 -11.17
N ALA A 158 7.34 6.52 -11.63
CA ALA A 158 6.73 6.17 -12.89
C ALA A 158 7.55 6.80 -13.99
N GLY A 159 8.15 7.94 -13.67
CA GLY A 159 8.96 8.62 -14.66
C GLY A 159 10.18 7.74 -14.96
N HIS A 160 10.89 7.33 -13.92
CA HIS A 160 12.08 6.53 -14.11
C HIS A 160 11.78 5.21 -14.77
N LEU A 161 10.79 4.49 -14.24
CA LEU A 161 10.41 3.19 -14.81
C LEU A 161 10.06 3.27 -16.27
N THR A 162 9.15 4.15 -16.64
CA THR A 162 8.71 4.22 -18.04
C THR A 162 9.96 4.43 -18.90
N ILE A 163 10.88 5.25 -18.40
CA ILE A 163 12.11 5.49 -19.10
C ILE A 163 12.92 4.20 -19.19
N MET A 164 13.23 3.60 -18.05
CA MET A 164 13.99 2.35 -18.00
C MET A 164 13.47 1.27 -18.92
N TYR A 165 12.15 1.13 -19.02
CA TYR A 165 11.55 0.06 -19.83
C TYR A 165 10.97 0.56 -21.15
N GLY A 166 11.32 1.77 -21.52
CA GLY A 166 10.78 2.39 -22.73
C GLY A 166 9.25 2.25 -22.84
N LEU A 167 8.54 2.72 -21.83
CA LEU A 167 7.07 2.65 -21.84
C LEU A 167 6.49 4.00 -22.33
N ARG A 168 5.58 3.96 -23.30
CA ARG A 168 5.05 5.21 -23.88
C ARG A 168 3.56 5.42 -23.63
N GLY A 169 2.95 4.44 -22.99
CA GLY A 169 1.54 4.54 -22.66
C GLY A 169 1.24 5.55 -21.54
N PRO A 170 -0.04 5.66 -21.24
CA PRO A 170 -0.48 6.57 -20.20
C PRO A 170 0.27 6.38 -18.89
N SER A 171 0.92 7.45 -18.43
CA SER A 171 1.53 7.45 -17.11
C SER A 171 0.96 8.56 -16.21
N ILE A 172 0.37 8.15 -15.09
CA ILE A 172 -0.13 9.07 -14.09
C ILE A 172 0.41 8.66 -12.75
N SER A 173 0.18 9.48 -11.74
CA SER A 173 0.64 9.22 -10.36
C SER A 173 -0.39 9.87 -9.47
N ILE A 174 -1.18 9.08 -8.75
CA ILE A 174 -2.12 9.60 -7.75
C ILE A 174 -1.49 9.79 -6.36
N ALA A 175 -1.68 10.96 -5.77
CA ALA A 175 -1.15 11.25 -4.42
C ALA A 175 -2.32 11.47 -3.52
N THR A 176 -2.90 10.42 -2.97
CA THR A 176 -4.07 10.61 -2.11
C THR A 176 -3.77 10.13 -0.72
N ALA A 177 -2.55 10.43 -0.27
CA ALA A 177 -2.07 10.11 1.06
C ALA A 177 -2.10 8.62 1.26
N CYS A 178 -2.70 8.24 2.38
CA CYS A 178 -2.84 6.86 2.81
C CYS A 178 -3.64 5.99 1.86
N THR A 179 -4.30 6.59 0.88
CA THR A 179 -5.09 5.83 -0.08
C THR A 179 -4.42 5.64 -1.41
N SER A 180 -3.32 6.33 -1.59
CA SER A 180 -2.62 6.33 -2.86
C SER A 180 -2.47 4.98 -3.55
N GLY A 181 -2.06 3.97 -2.79
CA GLY A 181 -1.81 2.63 -3.34
C GLY A 181 -3.07 2.03 -3.98
N VAL A 182 -4.19 2.24 -3.30
CA VAL A 182 -5.45 1.75 -3.78
C VAL A 182 -5.87 2.50 -5.05
N HIS A 183 -5.74 3.84 -5.04
CA HIS A 183 -6.15 4.63 -6.18
C HIS A 183 -5.34 4.39 -7.42
N ASN A 184 -4.03 4.39 -7.27
CA ASN A 184 -3.17 4.21 -8.41
C ASN A 184 -3.49 2.92 -9.12
N ILE A 185 -3.73 1.88 -8.34
CA ILE A 185 -4.05 0.57 -8.87
C ILE A 185 -5.42 0.61 -9.55
N GLY A 186 -6.42 1.15 -8.85
CA GLY A 186 -7.78 1.24 -9.36
C GLY A 186 -7.81 1.96 -10.70
N HIS A 187 -7.19 3.13 -10.75
CA HIS A 187 -7.11 3.92 -11.97
C HIS A 187 -6.23 3.32 -13.04
N ALA A 188 -5.29 2.47 -12.65
CA ALA A 188 -4.50 1.73 -13.63
C ALA A 188 -5.54 0.83 -14.31
N ALA A 189 -6.22 0.01 -13.51
CA ALA A 189 -7.25 -0.87 -14.02
C ALA A 189 -8.22 -0.14 -14.91
N ARG A 190 -8.71 1.02 -14.45
CA ARG A 190 -9.64 1.84 -15.24
C ARG A 190 -9.04 2.13 -16.61
N ILE A 191 -7.92 2.84 -16.62
CA ILE A 191 -7.21 3.18 -17.84
C ILE A 191 -7.16 2.03 -18.87
N ILE A 192 -6.82 0.82 -18.39
CA ILE A 192 -6.73 -0.34 -19.29
C ILE A 192 -8.10 -0.64 -19.83
N ALA A 193 -9.04 -0.82 -18.89
CA ALA A 193 -10.42 -1.13 -19.22
C ALA A 193 -10.98 -0.18 -20.26
N TYR A 194 -10.52 1.07 -20.22
CA TYR A 194 -11.02 2.13 -21.10
C TYR A 194 -10.51 1.93 -22.51
N GLY A 195 -9.32 1.36 -22.60
CA GLY A 195 -8.70 1.11 -23.88
C GLY A 195 -7.44 1.95 -24.03
N ASP A 196 -7.23 2.85 -23.08
CA ASP A 196 -6.09 3.73 -23.15
C ASP A 196 -4.74 2.99 -23.05
N ALA A 197 -4.82 1.76 -22.52
CA ALA A 197 -3.65 0.90 -22.30
C ALA A 197 -4.01 -0.58 -22.24
N ASP A 198 -2.97 -1.42 -22.40
CA ASP A 198 -3.10 -2.88 -22.33
C ASP A 198 -2.44 -3.45 -21.08
N VAL A 199 -1.37 -2.77 -20.64
CA VAL A 199 -0.63 -3.12 -19.44
C VAL A 199 -0.33 -1.84 -18.69
N MET A 200 -0.18 -1.95 -17.37
CA MET A 200 0.13 -0.83 -16.48
C MET A 200 0.81 -1.32 -15.21
N VAL A 201 2.00 -0.80 -14.92
CA VAL A 201 2.68 -1.09 -13.65
C VAL A 201 2.10 -0.05 -12.68
N ALA A 202 1.55 -0.50 -11.56
CA ALA A 202 0.85 0.42 -10.70
C ALA A 202 1.12 0.12 -9.22
N GLY A 203 0.93 1.10 -8.34
CA GLY A 203 1.14 0.86 -6.92
C GLY A 203 1.63 2.11 -6.26
N GLY A 204 2.35 1.98 -5.16
CA GLY A 204 2.83 3.18 -4.47
C GLY A 204 4.11 2.88 -3.69
N ALA A 205 4.85 3.92 -3.37
CA ALA A 205 6.11 3.80 -2.63
C ALA A 205 6.26 4.95 -1.63
N GLU A 206 6.71 4.63 -0.43
CA GLU A 206 6.92 5.68 0.56
C GLU A 206 8.11 5.35 1.39
N LYS A 207 8.71 6.39 1.95
CA LYS A 207 9.87 6.27 2.83
C LYS A 207 9.86 7.58 3.64
N ALA A 208 8.83 7.72 4.50
CA ALA A 208 8.65 8.95 5.26
C ALA A 208 9.21 8.80 6.63
N SER A 209 9.97 7.73 6.87
CA SER A 209 10.63 7.58 8.17
C SER A 209 11.72 8.62 8.37
N THR A 210 11.32 9.88 8.44
CA THR A 210 12.25 10.99 8.65
C THR A 210 11.86 11.91 9.84
N PRO A 211 12.74 12.86 10.11
CA PRO A 211 12.49 13.86 11.12
C PRO A 211 11.14 14.49 10.88
N LEU A 212 10.92 14.96 9.67
CA LEU A 212 9.65 15.56 9.34
C LEU A 212 8.48 14.57 9.35
N GLY A 213 8.73 13.30 9.01
CA GLY A 213 7.65 12.33 8.98
C GLY A 213 7.31 11.96 10.40
N VAL A 214 8.32 11.48 11.13
CA VAL A 214 8.12 11.06 12.50
C VAL A 214 7.67 12.23 13.37
N GLY A 215 8.38 13.33 13.23
CA GLY A 215 8.03 14.53 13.94
C GLY A 215 6.65 15.04 13.61
N GLY A 216 6.32 14.98 12.33
CA GLY A 216 5.04 15.52 11.86
C GLY A 216 3.80 14.76 12.36
N PHE A 217 3.80 13.45 12.17
CA PHE A 217 2.68 12.64 12.61
C PHE A 217 2.67 12.58 14.15
N GLY A 218 3.80 12.84 14.76
CA GLY A 218 3.90 12.82 16.22
C GLY A 218 3.40 14.17 16.77
N ALA A 219 3.34 15.18 15.91
CA ALA A 219 2.91 16.51 16.30
C ALA A 219 1.40 16.48 16.36
N ALA A 220 0.83 15.61 15.55
CA ALA A 220 -0.62 15.46 15.50
C ALA A 220 -1.06 14.46 16.56
N ARG A 221 -0.09 13.88 17.25
CA ARG A 221 -0.42 12.91 18.27
C ARG A 221 -1.10 11.67 17.66
N ALA A 222 -0.80 11.41 16.38
CA ALA A 222 -1.38 10.28 15.64
C ALA A 222 -0.58 8.96 15.72
N LEU A 223 0.66 9.06 16.21
CA LEU A 223 1.61 7.94 16.24
C LEU A 223 1.65 7.18 17.57
N SER A 224 1.99 5.89 17.51
CA SER A 224 2.08 5.13 18.74
C SER A 224 3.37 5.51 19.43
N THR A 225 3.42 5.28 20.73
CA THR A 225 4.52 5.71 21.55
C THR A 225 5.15 4.60 22.44
N ARG A 226 4.70 3.37 22.22
CA ARG A 226 5.20 2.22 22.95
C ARG A 226 6.65 1.86 22.60
N ASN A 227 7.59 2.74 22.96
CA ASN A 227 9.01 2.55 22.66
C ASN A 227 9.70 1.40 23.38
N ASP A 228 9.09 0.93 24.47
CA ASP A 228 9.62 -0.19 25.26
C ASP A 228 9.31 -1.51 24.57
N ASN A 229 8.37 -1.48 23.63
CA ASN A 229 8.00 -2.67 22.86
C ASN A 229 7.50 -2.34 21.44
N PRO A 230 8.43 -1.96 20.57
CA PRO A 230 8.10 -1.58 19.20
C PRO A 230 7.21 -2.58 18.46
N GLN A 231 7.48 -3.87 18.65
CA GLN A 231 6.73 -4.89 17.92
C GLN A 231 5.32 -5.05 18.40
N ALA A 232 5.02 -4.51 19.57
CA ALA A 232 3.70 -4.62 20.16
C ALA A 232 2.90 -3.36 19.94
N ALA A 233 3.60 -2.28 19.59
CA ALA A 233 2.96 -0.98 19.40
C ALA A 233 1.73 -1.01 18.47
N SER A 234 1.89 -1.63 17.30
CA SER A 234 0.82 -1.70 16.34
C SER A 234 -0.12 -2.78 16.76
N ARG A 235 -1.26 -2.41 17.31
CA ARG A 235 -2.24 -3.41 17.70
C ARG A 235 -3.66 -3.04 17.26
N PRO A 236 -3.95 -3.22 15.96
CA PRO A 236 -5.27 -2.91 15.45
C PRO A 236 -6.38 -3.54 16.30
N TRP A 237 -7.41 -2.74 16.57
CA TRP A 237 -8.60 -3.19 17.30
C TRP A 237 -8.39 -3.56 18.76
N ASP A 238 -7.14 -3.77 19.17
CA ASP A 238 -6.88 -4.04 20.58
C ASP A 238 -7.19 -2.83 21.45
N LYS A 239 -7.45 -3.11 22.71
CA LYS A 239 -7.85 -2.09 23.66
C LYS A 239 -6.77 -1.06 23.97
N GLU A 240 -5.51 -1.47 24.06
CA GLU A 240 -4.40 -0.55 24.39
C GLU A 240 -3.66 0.14 23.26
N ARG A 241 -4.23 0.16 22.05
CA ARG A 241 -3.59 0.79 20.92
C ARG A 241 -3.50 2.29 21.22
N ASP A 242 -2.55 2.98 20.58
CA ASP A 242 -2.33 4.42 20.75
C ASP A 242 -1.87 5.19 19.49
N GLY A 243 -2.31 4.74 18.32
CA GLY A 243 -1.94 5.42 17.08
C GLY A 243 -1.10 4.53 16.20
N PHE A 244 -1.21 4.74 14.89
CA PHE A 244 -0.49 3.94 13.91
C PHE A 244 1.01 3.85 14.08
N VAL A 245 1.63 3.03 13.25
CA VAL A 245 3.07 2.85 13.31
C VAL A 245 3.48 3.04 11.87
N LEU A 246 4.42 3.97 11.68
CA LEU A 246 4.93 4.34 10.36
C LEU A 246 5.79 3.25 9.73
N GLY A 247 5.49 2.88 8.49
CA GLY A 247 6.30 1.87 7.80
C GLY A 247 6.74 2.35 6.39
N ASP A 248 7.95 1.93 5.99
CA ASP A 248 8.50 2.20 4.65
C ASP A 248 8.30 0.96 3.78
N GLY A 249 8.32 1.16 2.46
CA GLY A 249 8.19 0.03 1.53
C GLY A 249 7.67 0.52 0.22
N ALA A 250 7.35 -0.43 -0.65
CA ALA A 250 6.84 -0.14 -1.99
C ALA A 250 6.17 -1.43 -2.49
N GLY A 251 5.01 -1.29 -3.15
CA GLY A 251 4.30 -2.46 -3.65
C GLY A 251 3.83 -2.13 -5.01
N MET A 252 4.26 -2.92 -5.97
CA MET A 252 3.91 -2.73 -7.38
C MET A 252 3.17 -3.93 -7.97
N LEU A 253 2.30 -3.67 -8.94
CA LEU A 253 1.58 -4.71 -9.65
C LEU A 253 1.64 -4.42 -11.14
N VAL A 254 1.53 -5.49 -11.92
CA VAL A 254 1.44 -5.40 -13.36
C VAL A 254 0.00 -5.83 -13.65
N LEU A 255 -0.79 -4.86 -14.07
CA LEU A 255 -2.18 -5.12 -14.40
C LEU A 255 -2.20 -5.25 -15.90
N GLU A 256 -3.03 -6.15 -16.43
CA GLU A 256 -3.20 -6.29 -17.87
C GLU A 256 -4.52 -6.88 -18.32
N GLU A 257 -4.97 -6.44 -19.50
CA GLU A 257 -6.23 -6.92 -20.04
C GLU A 257 -6.12 -8.44 -20.27
N TYR A 258 -7.17 -9.16 -19.89
CA TYR A 258 -7.25 -10.62 -20.00
C TYR A 258 -6.69 -11.27 -21.29
N GLU A 259 -7.28 -10.95 -22.43
CA GLU A 259 -6.85 -11.50 -23.72
C GLU A 259 -5.36 -11.30 -24.00
N HIS A 260 -4.92 -10.06 -23.89
CA HIS A 260 -3.52 -9.69 -24.13
C HIS A 260 -2.56 -10.56 -23.31
N ALA A 261 -3.02 -10.90 -22.10
CA ALA A 261 -2.27 -11.72 -21.14
C ALA A 261 -2.23 -13.17 -21.66
N LYS A 262 -3.42 -13.77 -21.86
CA LYS A 262 -3.51 -15.12 -22.43
C LYS A 262 -2.63 -15.26 -23.69
N LYS A 263 -2.97 -14.50 -24.74
CA LYS A 263 -2.22 -14.54 -25.99
C LYS A 263 -0.69 -14.60 -25.84
N ARG A 264 -0.20 -14.32 -24.63
CA ARG A 264 1.24 -14.40 -24.37
C ARG A 264 1.51 -15.42 -23.25
N GLY A 265 0.48 -16.17 -22.86
CA GLY A 265 0.60 -17.15 -21.78
C GLY A 265 1.21 -16.65 -20.47
N ALA A 266 0.89 -15.40 -20.10
CA ALA A 266 1.36 -14.79 -18.87
C ALA A 266 0.76 -15.54 -17.71
N LYS A 267 1.56 -15.65 -16.64
CA LYS A 267 1.15 -16.28 -15.40
C LYS A 267 0.24 -15.25 -14.76
N ILE A 268 -0.98 -15.68 -14.42
CA ILE A 268 -2.02 -14.79 -13.90
C ILE A 268 -2.30 -15.02 -12.46
N TYR A 269 -1.91 -14.06 -11.62
CA TYR A 269 -2.20 -14.17 -10.17
C TYR A 269 -3.68 -14.10 -9.84
N ALA A 270 -4.39 -13.16 -10.47
CA ALA A 270 -5.82 -12.95 -10.24
C ALA A 270 -6.38 -11.86 -11.12
N GLU A 271 -7.68 -11.63 -10.97
CA GLU A 271 -8.36 -10.62 -11.76
C GLU A 271 -8.92 -9.49 -10.89
N LEU A 272 -8.62 -8.25 -11.28
CA LEU A 272 -9.15 -7.07 -10.58
C LEU A 272 -10.54 -6.96 -11.18
N VAL A 273 -11.54 -6.91 -10.29
CA VAL A 273 -12.95 -6.93 -10.69
C VAL A 273 -13.78 -5.77 -10.15
N GLY A 274 -13.30 -5.08 -9.12
CA GLY A 274 -14.08 -3.99 -8.55
C GLY A 274 -13.16 -2.94 -8.01
N PHE A 275 -13.67 -1.71 -7.97
CA PHE A 275 -12.95 -0.51 -7.53
C PHE A 275 -14.00 0.50 -7.14
N GLY A 276 -13.91 0.92 -5.88
CA GLY A 276 -14.84 1.84 -5.27
C GLY A 276 -14.08 2.98 -4.60
N MET A 277 -14.61 4.20 -4.73
CA MET A 277 -14.04 5.38 -4.08
C MET A 277 -15.12 6.16 -3.33
N SER A 278 -14.71 7.01 -2.41
CA SER A 278 -15.66 7.78 -1.63
C SER A 278 -14.96 8.88 -0.87
N SER A 279 -15.79 9.74 -0.29
CA SER A 279 -15.29 10.84 0.49
C SER A 279 -16.06 10.82 1.79
N ASP A 280 -15.35 11.09 2.88
CA ASP A 280 -15.95 11.16 4.20
C ASP A 280 -16.74 12.47 4.38
N ALA A 281 -16.22 13.58 3.85
CA ALA A 281 -16.90 14.88 3.93
C ALA A 281 -17.18 15.16 5.40
N TYR A 282 -16.19 14.89 6.24
CA TYR A 282 -16.36 15.04 7.68
C TYR A 282 -15.24 15.87 8.33
N HIS A 283 -14.13 15.22 8.63
CA HIS A 283 -12.98 15.94 9.20
C HIS A 283 -11.82 15.79 8.21
N MET A 284 -10.76 16.57 8.39
CA MET A 284 -9.65 16.53 7.43
C MET A 284 -8.68 15.39 7.70
N THR A 285 -8.69 14.91 8.94
CA THR A 285 -7.83 13.80 9.34
C THR A 285 -8.59 12.72 10.15
N SER A 286 -9.83 13.02 10.54
CA SER A 286 -10.63 12.12 11.36
C SER A 286 -11.77 11.48 10.63
N PRO A 287 -12.00 10.23 10.96
CA PRO A 287 -13.08 9.45 10.38
C PRO A 287 -14.34 9.65 11.18
N PRO A 288 -15.48 9.68 10.51
CA PRO A 288 -16.74 9.78 11.25
C PRO A 288 -16.82 8.54 12.16
N GLU A 289 -17.42 8.69 13.35
CA GLU A 289 -17.56 7.53 14.26
C GLU A 289 -18.30 6.44 13.49
N ASN A 290 -19.03 6.92 12.50
CA ASN A 290 -19.86 6.15 11.60
C ASN A 290 -19.14 5.12 10.72
N GLY A 291 -18.09 5.56 10.01
CA GLY A 291 -17.44 4.70 9.04
C GLY A 291 -18.26 4.86 7.74
N ALA A 292 -19.13 5.86 7.74
CA ALA A 292 -20.03 6.09 6.64
C ALA A 292 -19.32 6.10 5.28
N GLY A 293 -18.17 6.78 5.24
CA GLY A 293 -17.41 6.93 3.99
C GLY A 293 -16.75 5.64 3.60
N ALA A 294 -16.11 4.98 4.57
CA ALA A 294 -15.48 3.70 4.29
C ALA A 294 -16.52 2.74 3.74
N ALA A 295 -17.74 2.75 4.32
CA ALA A 295 -18.83 1.88 3.86
C ALA A 295 -19.11 2.13 2.38
N LEU A 296 -19.50 3.36 2.06
CA LEU A 296 -19.73 3.79 0.68
C LEU A 296 -18.66 3.30 -0.31
N ALA A 297 -17.38 3.47 0.06
CA ALA A 297 -16.27 3.00 -0.77
C ALA A 297 -16.30 1.47 -1.00
N MET A 298 -16.54 0.67 0.04
CA MET A 298 -16.61 -0.79 -0.11
C MET A 298 -17.80 -1.11 -0.97
N ALA A 299 -18.91 -0.50 -0.57
CA ALA A 299 -20.17 -0.60 -1.28
C ALA A 299 -20.03 -0.32 -2.78
N ASN A 300 -19.43 0.80 -3.13
CA ASN A 300 -19.23 1.15 -4.53
C ASN A 300 -18.45 0.09 -5.34
N ALA A 301 -17.49 -0.57 -4.69
CA ALA A 301 -16.66 -1.60 -5.31
C ALA A 301 -17.43 -2.90 -5.54
N LEU A 302 -18.30 -3.24 -4.60
CA LEU A 302 -19.10 -4.46 -4.69
C LEU A 302 -19.99 -4.34 -5.90
N ARG A 303 -20.59 -3.16 -6.04
CA ARG A 303 -21.44 -2.87 -7.18
C ARG A 303 -20.61 -2.83 -8.48
N ASP A 304 -19.43 -2.20 -8.46
CA ASP A 304 -18.58 -2.19 -9.64
C ASP A 304 -18.20 -3.62 -10.03
N ALA A 305 -17.84 -4.44 -9.04
CA ALA A 305 -17.45 -5.82 -9.28
C ALA A 305 -18.70 -6.64 -9.60
N GLY A 306 -19.86 -6.05 -9.31
CA GLY A 306 -21.15 -6.68 -9.56
C GLY A 306 -21.27 -7.96 -8.78
N ILE A 307 -21.18 -7.86 -7.44
CA ILE A 307 -21.28 -8.99 -6.53
C ILE A 307 -21.79 -8.50 -5.19
N GLU A 308 -21.80 -9.43 -4.23
CA GLU A 308 -22.33 -9.12 -2.89
C GLU A 308 -21.34 -9.32 -1.75
N ALA A 309 -21.57 -8.57 -0.67
CA ALA A 309 -20.69 -8.64 0.48
C ALA A 309 -20.50 -10.10 0.94
N SER A 310 -21.54 -10.90 0.78
CA SER A 310 -21.52 -12.31 1.19
C SER A 310 -20.42 -13.07 0.46
N GLN A 311 -20.02 -12.53 -0.69
CA GLN A 311 -19.01 -13.17 -1.51
C GLN A 311 -17.55 -12.93 -1.10
N ILE A 312 -17.31 -11.82 -0.40
CA ILE A 312 -15.96 -11.54 0.07
C ILE A 312 -15.53 -12.53 1.18
N GLY A 313 -14.43 -13.24 0.93
CA GLY A 313 -13.94 -14.17 1.93
C GLY A 313 -13.07 -13.41 2.93
N TYR A 314 -12.18 -12.55 2.43
CA TYR A 314 -11.27 -11.81 3.29
C TYR A 314 -11.15 -10.32 2.96
N VAL A 315 -11.24 -9.47 4.00
CA VAL A 315 -11.10 -8.03 3.86
C VAL A 315 -9.74 -7.61 4.41
N ASN A 316 -8.98 -6.82 3.65
CA ASN A 316 -7.72 -6.32 4.17
C ASN A 316 -7.95 -4.92 4.71
N ALA A 317 -8.12 -4.87 6.02
CA ALA A 317 -8.41 -3.66 6.72
C ALA A 317 -7.40 -2.55 6.43
N HIS A 318 -7.84 -1.31 6.69
CA HIS A 318 -6.94 -0.19 6.62
C HIS A 318 -6.30 -0.39 7.98
N GLY A 319 -7.16 -0.60 8.97
CA GLY A 319 -6.81 -0.92 10.36
C GLY A 319 -5.42 -0.53 10.76
N THR A 320 -5.21 0.78 10.92
CA THR A 320 -3.92 1.35 11.25
C THR A 320 -3.53 1.36 12.70
N SER A 321 -4.47 1.04 13.60
CA SER A 321 -4.24 1.00 15.06
C SER A 321 -4.32 2.31 15.78
N THR A 322 -5.20 3.17 15.27
CA THR A 322 -5.56 4.44 15.89
C THR A 322 -6.89 4.10 16.57
N PRO A 323 -7.16 4.72 17.70
CA PRO A 323 -8.39 4.41 18.40
C PRO A 323 -9.62 4.58 17.52
N ALA A 324 -9.87 5.80 17.03
CA ALA A 324 -11.04 6.05 16.15
C ALA A 324 -11.02 5.31 14.85
N GLY A 325 -9.84 5.23 14.23
CA GLY A 325 -9.66 4.63 12.91
C GLY A 325 -10.33 3.28 12.84
N ASP A 326 -9.79 2.40 13.69
CA ASP A 326 -10.24 1.01 13.84
C ASP A 326 -11.70 0.83 14.23
N LYS A 327 -12.24 1.72 15.07
CA LYS A 327 -13.65 1.63 15.48
C LYS A 327 -14.52 1.95 14.29
N ALA A 328 -14.19 3.04 13.63
CA ALA A 328 -14.94 3.46 12.47
C ALA A 328 -15.00 2.42 11.39
N GLU A 329 -13.86 1.80 11.06
CA GLU A 329 -13.79 0.79 9.99
C GLU A 329 -14.65 -0.40 10.30
N ALA A 330 -14.52 -0.88 11.53
CA ALA A 330 -15.27 -2.03 11.99
C ALA A 330 -16.75 -1.75 11.83
N GLN A 331 -17.14 -0.53 12.20
CA GLN A 331 -18.51 -0.09 12.03
C GLN A 331 -18.88 -0.32 10.57
N ALA A 332 -18.10 0.28 9.68
CA ALA A 332 -18.38 0.17 8.26
C ALA A 332 -18.57 -1.26 7.84
N VAL A 333 -17.70 -2.15 8.33
CA VAL A 333 -17.78 -3.55 7.91
C VAL A 333 -19.12 -4.18 8.21
N LYS A 334 -19.56 -3.97 9.45
CA LYS A 334 -20.84 -4.43 9.97
C LYS A 334 -21.88 -3.94 9.00
N THR A 335 -21.92 -2.63 8.81
CA THR A 335 -22.86 -1.99 7.92
C THR A 335 -22.94 -2.73 6.58
N ILE A 336 -21.79 -2.89 5.92
CA ILE A 336 -21.69 -3.52 4.61
C ILE A 336 -22.04 -5.00 4.55
N PHE A 337 -21.59 -5.74 5.56
CA PHE A 337 -21.84 -7.18 5.60
C PHE A 337 -23.08 -7.59 6.42
N GLY A 338 -23.30 -6.86 7.52
CA GLY A 338 -24.45 -7.09 8.39
C GLY A 338 -24.54 -8.53 8.88
N GLU A 339 -25.17 -9.39 8.06
CA GLU A 339 -25.34 -10.81 8.35
C GLU A 339 -24.00 -11.51 8.34
N ALA A 340 -23.35 -11.41 7.19
CA ALA A 340 -22.04 -11.97 6.93
C ALA A 340 -20.98 -11.31 7.79
N ALA A 341 -21.39 -10.31 8.59
CA ALA A 341 -20.50 -9.59 9.52
C ALA A 341 -19.44 -10.48 10.20
N SER A 342 -19.92 -11.59 10.76
CA SER A 342 -19.11 -12.54 11.50
C SER A 342 -18.47 -13.63 10.65
N ARG A 343 -19.13 -14.04 9.57
CA ARG A 343 -18.61 -15.07 8.68
C ARG A 343 -17.39 -14.58 7.88
N VAL A 344 -17.30 -13.27 7.64
CA VAL A 344 -16.20 -12.68 6.88
C VAL A 344 -14.95 -12.56 7.74
N LEU A 345 -13.79 -12.70 7.08
CA LEU A 345 -12.50 -12.57 7.73
C LEU A 345 -11.92 -11.18 7.44
N VAL A 346 -11.67 -10.43 8.51
CA VAL A 346 -11.08 -9.09 8.42
C VAL A 346 -9.74 -9.17 9.15
N SER A 347 -8.64 -8.69 8.57
CA SER A 347 -7.35 -8.71 9.27
C SER A 347 -6.52 -7.52 8.86
N SER A 348 -5.66 -7.06 9.78
CA SER A 348 -4.72 -5.95 9.52
C SER A 348 -3.24 -6.38 9.48
N THR A 349 -2.67 -6.44 8.28
CA THR A 349 -1.25 -6.73 8.15
C THR A 349 -0.40 -5.63 8.79
N ALA A 350 -1.03 -4.45 8.96
CA ALA A 350 -0.40 -3.26 9.56
C ALA A 350 0.06 -3.62 10.95
N SER A 351 -0.47 -4.72 11.47
CA SER A 351 -0.09 -5.18 12.82
C SER A 351 1.36 -5.64 12.82
N MET A 352 1.86 -6.06 11.66
CA MET A 352 3.25 -6.50 11.61
C MET A 352 4.11 -5.50 10.88
N THR A 353 3.57 -4.98 9.80
CA THR A 353 4.29 -4.09 8.92
C THR A 353 4.31 -2.64 9.38
N GLY A 354 3.19 -2.22 9.96
CA GLY A 354 2.93 -0.83 10.33
C GLY A 354 2.16 -0.28 9.12
N HIS A 355 1.82 1.00 9.12
CA HIS A 355 1.14 1.53 7.95
C HIS A 355 2.11 2.15 6.95
N LEU A 356 2.13 1.64 5.72
CA LEU A 356 3.06 2.14 4.67
C LEU A 356 2.65 3.38 3.87
N LEU A 357 1.74 4.19 4.41
CA LEU A 357 1.32 5.41 3.77
C LEU A 357 0.96 5.24 2.27
N GLY A 358 1.69 5.89 1.38
CA GLY A 358 1.39 5.79 -0.04
C GLY A 358 1.53 4.37 -0.61
N ALA A 359 2.38 3.56 0.02
CA ALA A 359 2.68 2.20 -0.44
C ALA A 359 1.66 1.25 0.13
N ALA A 360 1.06 1.66 1.24
CA ALA A 360 0.11 0.83 1.97
C ALA A 360 -0.89 0.08 1.08
N GLY A 361 -1.83 0.77 0.46
CA GLY A 361 -2.84 0.10 -0.34
C GLY A 361 -2.30 -0.75 -1.47
N ALA A 362 -1.05 -0.54 -1.86
CA ALA A 362 -0.45 -1.34 -2.94
C ALA A 362 0.02 -2.69 -2.36
N VAL A 363 0.81 -2.63 -1.29
CA VAL A 363 1.29 -3.86 -0.68
C VAL A 363 0.12 -4.71 -0.28
N GLU A 364 -0.87 -4.10 0.38
CA GLU A 364 -2.04 -4.84 0.80
C GLU A 364 -2.89 -5.38 -0.35
N SER A 365 -2.74 -4.86 -1.57
CA SER A 365 -3.47 -5.39 -2.71
C SER A 365 -2.77 -6.70 -3.02
N ILE A 366 -1.43 -6.66 -2.99
CA ILE A 366 -0.61 -7.84 -3.17
C ILE A 366 -0.95 -8.88 -2.12
N TYR A 367 -1.17 -8.47 -0.86
CA TYR A 367 -1.55 -9.46 0.17
C TYR A 367 -2.85 -10.12 -0.23
N SER A 368 -3.85 -9.29 -0.49
CA SER A 368 -5.15 -9.76 -0.93
C SER A 368 -5.03 -10.72 -2.12
N ILE A 369 -4.03 -10.49 -2.97
CA ILE A 369 -3.88 -11.34 -4.14
C ILE A 369 -3.33 -12.70 -3.74
N LEU A 370 -2.25 -12.69 -2.95
CA LEU A 370 -1.62 -13.91 -2.47
C LEU A 370 -2.59 -14.72 -1.58
N ALA A 371 -3.31 -14.04 -0.69
CA ALA A 371 -4.34 -14.71 0.10
C ALA A 371 -5.34 -15.50 -0.77
N LEU A 372 -5.56 -15.10 -2.03
CA LEU A 372 -6.47 -15.88 -2.91
C LEU A 372 -5.67 -17.06 -3.47
N ARG A 373 -4.42 -16.81 -3.83
CA ARG A 373 -3.57 -17.84 -4.37
C ARG A 373 -3.48 -19.00 -3.43
N ASP A 374 -3.01 -18.68 -2.23
CA ASP A 374 -2.71 -19.63 -1.18
C ASP A 374 -3.86 -19.96 -0.26
N GLN A 375 -5.02 -19.43 -0.58
CA GLN A 375 -6.16 -19.67 0.28
C GLN A 375 -5.81 -19.55 1.79
N ALA A 376 -4.89 -18.63 2.11
CA ALA A 376 -4.50 -18.35 3.49
C ALA A 376 -4.69 -16.84 3.83
N VAL A 377 -4.90 -16.56 5.10
CA VAL A 377 -5.22 -15.18 5.48
C VAL A 377 -4.35 -14.65 6.65
N PRO A 378 -3.42 -13.73 6.33
CA PRO A 378 -2.51 -13.16 7.36
C PRO A 378 -3.26 -12.72 8.62
N PRO A 379 -2.61 -12.86 9.77
CA PRO A 379 -3.32 -12.56 11.05
C PRO A 379 -3.27 -11.10 11.45
N THR A 380 -4.07 -10.73 12.43
CA THR A 380 -3.88 -9.45 13.07
C THR A 380 -3.12 -9.83 14.36
N ILE A 381 -1.80 -9.72 14.36
CA ILE A 381 -1.03 -10.00 15.58
C ILE A 381 -1.29 -8.90 16.59
N ASN A 382 -0.77 -9.08 17.82
CA ASN A 382 -0.95 -8.12 18.91
C ASN A 382 -2.36 -7.89 19.41
N LEU A 383 -3.35 -8.54 18.81
CA LEU A 383 -4.76 -8.35 19.21
C LEU A 383 -5.05 -9.10 20.53
N ASP A 384 -4.59 -8.55 21.65
CA ASP A 384 -4.74 -9.29 22.88
C ASP A 384 -6.16 -9.19 23.44
N ASN A 385 -6.65 -7.97 23.71
CA ASN A 385 -8.02 -7.72 24.20
C ASN A 385 -8.81 -6.77 23.27
N PRO A 386 -9.55 -7.35 22.33
CA PRO A 386 -10.32 -6.55 21.37
C PRO A 386 -11.33 -5.66 22.03
N ASP A 387 -11.81 -4.68 21.29
CA ASP A 387 -12.82 -3.74 21.77
C ASP A 387 -14.13 -4.50 22.06
N GLU A 388 -15.10 -3.82 22.69
CA GLU A 388 -16.33 -4.50 23.11
C GLU A 388 -17.42 -5.06 22.23
N GLY A 389 -18.09 -4.20 21.47
CA GLY A 389 -19.18 -4.62 20.59
C GLY A 389 -18.74 -5.44 19.38
N CYS A 390 -17.42 -5.63 19.24
CA CYS A 390 -16.85 -6.37 18.12
C CYS A 390 -17.43 -7.77 17.94
N ASP A 391 -18.07 -7.98 16.80
CA ASP A 391 -18.70 -9.25 16.45
C ASP A 391 -17.82 -9.90 15.36
N LEU A 392 -16.87 -9.13 14.85
CA LEU A 392 -16.03 -9.53 13.71
C LEU A 392 -14.83 -10.43 13.97
N ASP A 393 -14.50 -11.23 12.95
CA ASP A 393 -13.39 -12.17 13.01
C ASP A 393 -12.12 -11.53 12.47
N PHE A 394 -11.37 -10.87 13.34
CA PHE A 394 -10.15 -10.20 12.90
C PHE A 394 -8.93 -11.09 12.71
N VAL A 395 -9.12 -12.38 12.45
CA VAL A 395 -8.02 -13.34 12.31
C VAL A 395 -6.88 -13.03 13.32
N PRO A 396 -7.25 -12.80 14.59
CA PRO A 396 -6.27 -12.49 15.64
C PRO A 396 -5.21 -13.56 15.82
N HIS A 397 -3.99 -13.09 16.07
CA HIS A 397 -2.83 -13.91 16.38
C HIS A 397 -2.17 -14.76 15.34
N GLU A 398 -2.89 -15.71 14.76
CA GLU A 398 -2.29 -16.63 13.77
C GLU A 398 -3.04 -16.74 12.45
N ALA A 399 -2.26 -16.91 11.37
CA ALA A 399 -2.79 -17.07 10.02
C ALA A 399 -3.98 -18.04 9.99
N ARG A 400 -4.79 -17.96 8.94
CA ARG A 400 -5.97 -18.81 8.82
C ARG A 400 -6.04 -19.48 7.47
N GLN A 401 -6.45 -20.75 7.46
CA GLN A 401 -6.60 -21.47 6.19
C GLN A 401 -8.03 -21.30 5.73
N VAL A 402 -8.26 -21.26 4.44
CA VAL A 402 -9.61 -21.09 3.93
C VAL A 402 -9.87 -22.08 2.81
N SER A 403 -11.15 -22.35 2.57
CA SER A 403 -11.51 -23.31 1.56
C SER A 403 -11.78 -22.72 0.17
N GLY A 404 -12.97 -22.13 0.00
CA GLY A 404 -13.38 -21.65 -1.32
C GLY A 404 -13.51 -20.15 -1.38
N MET A 405 -12.37 -19.48 -1.28
CA MET A 405 -12.36 -18.04 -1.27
C MET A 405 -12.08 -17.62 -2.71
N GLU A 406 -13.08 -16.96 -3.32
CA GLU A 406 -12.98 -16.50 -4.71
C GLU A 406 -12.73 -14.97 -4.83
N TYR A 407 -13.14 -14.24 -3.80
CA TYR A 407 -12.91 -12.79 -3.75
C TYR A 407 -12.26 -12.33 -2.42
N THR A 408 -11.39 -11.34 -2.53
CA THR A 408 -10.84 -10.67 -1.37
C THR A 408 -10.99 -9.20 -1.70
N LEU A 409 -11.31 -8.39 -0.69
CA LEU A 409 -11.44 -6.94 -0.87
C LEU A 409 -10.40 -6.26 0.02
N CYS A 410 -9.82 -5.18 -0.51
CA CYS A 410 -8.77 -4.46 0.18
C CYS A 410 -9.12 -2.97 0.33
N ASN A 411 -9.17 -2.52 1.57
CA ASN A 411 -9.49 -1.14 1.93
C ASN A 411 -8.24 -0.30 2.29
N SER A 412 -8.35 0.99 2.03
CA SER A 412 -7.36 1.96 2.45
C SER A 412 -8.09 3.25 2.62
N PHE A 413 -7.74 4.02 3.64
CA PHE A 413 -8.38 5.33 3.82
C PHE A 413 -7.37 6.42 4.21
N GLY A 414 -7.51 7.61 3.66
CA GLY A 414 -6.56 8.66 4.05
C GLY A 414 -7.16 10.00 4.46
N PHE A 415 -6.26 10.94 4.76
CA PHE A 415 -6.61 12.31 5.14
C PHE A 415 -7.38 12.98 4.04
N GLY A 416 -8.20 13.96 4.39
CA GLY A 416 -9.11 14.59 3.43
C GLY A 416 -10.30 13.65 3.26
N GLY A 417 -10.41 12.68 4.16
CA GLY A 417 -11.51 11.72 4.13
C GLY A 417 -11.66 10.99 2.80
N THR A 418 -10.53 10.75 2.13
CA THR A 418 -10.50 10.02 0.85
C THR A 418 -10.33 8.51 1.07
N ASN A 419 -11.31 7.74 0.60
CA ASN A 419 -11.28 6.27 0.75
C ASN A 419 -11.31 5.58 -0.60
N GLY A 420 -10.87 4.34 -0.65
CA GLY A 420 -10.93 3.57 -1.88
C GLY A 420 -10.85 2.07 -1.52
N SER A 421 -11.54 1.22 -2.27
CA SER A 421 -11.54 -0.20 -2.01
C SER A 421 -11.31 -0.93 -3.33
N LEU A 422 -10.63 -2.08 -3.29
CA LEU A 422 -10.39 -2.86 -4.50
C LEU A 422 -10.88 -4.29 -4.26
N ILE A 423 -11.47 -4.90 -5.29
CA ILE A 423 -11.94 -6.27 -5.14
C ILE A 423 -11.17 -7.15 -6.11
N PHE A 424 -10.52 -8.19 -5.56
CA PHE A 424 -9.75 -9.17 -6.33
C PHE A 424 -10.52 -10.48 -6.44
N LYS A 425 -10.36 -11.19 -7.56
CA LYS A 425 -11.12 -12.42 -7.79
C LYS A 425 -10.18 -13.50 -8.30
N LYS A 426 -10.40 -14.72 -7.78
CA LYS A 426 -9.57 -15.90 -8.06
C LYS A 426 -9.61 -16.35 -9.51
N ILE A 427 -8.40 -16.52 -10.09
CA ILE A 427 -8.18 -16.96 -11.48
C ILE A 427 -8.64 -15.97 -12.57
O1 DAO B . -3.52 9.65 5.18
C1 DAO B . -2.58 8.98 5.65
C2 DAO B . -1.56 9.69 6.49
C3 DAO B . -1.01 10.98 5.90
C4 DAO B . -0.50 10.70 4.47
C5 DAO B . 0.45 11.87 4.17
C6 DAO B . 1.62 11.51 3.17
C7 DAO B . 2.71 10.87 4.04
C8 DAO B . 3.23 11.75 5.25
C9 DAO B . 4.28 12.70 4.80
C10 DAO B . 4.60 13.13 6.21
C11 DAO B . 5.02 14.63 6.34
C12 DAO B . 5.08 15.31 4.97
#